data_8D7M
#
_entry.id   8D7M
#
_cell.length_a   55.700
_cell.length_b   135.970
_cell.length_c   91.140
_cell.angle_alpha   90.00
_cell.angle_beta   94.33
_cell.angle_gamma   90.00
#
_symmetry.space_group_name_H-M   'C 1 2 1'
#
loop_
_entity.id
_entity.type
_entity.pdbx_description
1 polymer 'Casein kinase I isoform delta'
2 polymer 'Period circadian protein homolog 2 peptide'
3 water water
#
loop_
_entity_poly.entity_id
_entity_poly.type
_entity_poly.pdbx_seq_one_letter_code
_entity_poly.pdbx_strand_id
1 'polypeptide(L)'
;GAMDPEFMELRVGNRYRLGRKIGSGSFGDIYLGTDIAAGEEVAIKLECVKTKHPQLHIESKIYKMMQGGVGIPTIRWCGA
EGDYNVMVMELLGPSLEDLFNFCSRKFSLKTVLLLADQMISRIEYIHSKNFIHRDVKPDNFLMGLGKKGNLVYIIDFGLA
KKYRDARTHQHIPYRENKNLTGTARYASINTHLGIEQSRRDDLESLGYVLMYFNLGSLPWQGLKAATKRQKYERISEKKM
STPIEVLCKGYPSEFATYLNFCRSLRFDDKPDYSYLRQLFRNLFHRQGFSYDYVFDWNMLK
;
A,B
2 'polypeptide(L)' GKAE(SEP)VA(SEP)LT C,D
#
# COMPACT_ATOMS: atom_id res chain seq x y z
N GLU A 9 -9.12 13.98 18.18
CA GLU A 9 -8.61 12.94 17.30
C GLU A 9 -8.76 13.38 15.84
N LEU A 10 -7.92 12.83 14.96
CA LEU A 10 -7.82 13.30 13.59
C LEU A 10 -9.00 12.79 12.78
N ARG A 11 -9.83 13.72 12.28
CA ARG A 11 -11.01 13.39 11.49
C ARG A 11 -11.12 14.23 10.24
N VAL A 12 -11.76 13.67 9.24
CA VAL A 12 -12.18 14.39 8.05
C VAL A 12 -13.70 14.48 8.09
N GLY A 13 -14.23 15.63 7.69
CA GLY A 13 -15.67 15.81 7.68
C GLY A 13 -16.31 15.72 9.05
N ASN A 14 -15.56 16.01 10.13
CA ASN A 14 -16.09 16.04 11.50
C ASN A 14 -16.35 14.63 12.02
N ARG A 15 -16.35 13.65 11.12
CA ARG A 15 -17.13 12.44 11.30
C ARG A 15 -16.32 11.16 11.04
N TYR A 16 -15.29 11.21 10.19
CA TYR A 16 -14.58 10.01 9.77
C TYR A 16 -13.17 10.06 10.34
N ARG A 17 -12.91 9.23 11.33
CA ARG A 17 -11.58 9.10 11.89
C ARG A 17 -10.63 8.54 10.84
N LEU A 18 -9.48 9.18 10.67
CA LEU A 18 -8.55 8.72 9.65
C LEU A 18 -7.67 7.60 10.21
N GLY A 19 -7.43 6.59 9.38
CA GLY A 19 -6.63 5.45 9.75
C GLY A 19 -5.39 5.33 8.90
N ARG A 20 -4.82 4.13 8.85
CA ARG A 20 -3.56 3.95 8.15
C ARG A 20 -3.74 4.05 6.64
N LYS A 21 -2.66 4.45 5.96
CA LYS A 21 -2.68 4.45 4.51
C LYS A 21 -2.83 3.03 3.99
N ILE A 22 -3.69 2.86 2.98
CA ILE A 22 -3.97 1.54 2.43
C ILE A 22 -3.76 1.54 0.92
N GLY A 23 -3.26 2.63 0.36
CA GLY A 23 -3.08 2.69 -1.06
C GLY A 23 -2.67 4.07 -1.52
N SER A 24 -2.03 4.16 -2.67
CA SER A 24 -1.57 5.44 -3.19
C SER A 24 -1.55 5.38 -4.70
N GLY A 25 -1.90 6.49 -5.34
CA GLY A 25 -1.95 6.59 -6.78
C GLY A 25 -1.61 8.00 -7.23
N SER A 26 -1.64 8.19 -8.55
CA SER A 26 -1.33 9.49 -9.13
C SER A 26 -2.40 10.55 -8.87
N PHE A 27 -3.56 10.17 -8.32
CA PHE A 27 -4.62 11.14 -8.07
C PHE A 27 -4.99 11.24 -6.60
N GLY A 28 -4.08 10.87 -5.70
CA GLY A 28 -4.31 10.95 -4.28
C GLY A 28 -3.95 9.67 -3.57
N ASP A 29 -3.87 9.78 -2.24
CA ASP A 29 -3.67 8.62 -1.38
C ASP A 29 -5.02 8.15 -0.85
N ILE A 30 -5.10 6.85 -0.57
CA ILE A 30 -6.30 6.24 -0.03
C ILE A 30 -5.98 5.77 1.40
N TYR A 31 -6.87 6.10 2.33
CA TYR A 31 -6.73 5.74 3.74
C TYR A 31 -7.98 5.03 4.22
N LEU A 32 -7.78 4.15 5.20
CA LEU A 32 -8.88 3.63 5.98
C LEU A 32 -9.51 4.73 6.83
N GLY A 33 -10.81 4.58 7.09
CA GLY A 33 -11.50 5.49 7.98
C GLY A 33 -12.53 4.73 8.79
N THR A 34 -12.96 5.36 9.88
CA THR A 34 -14.05 4.86 10.68
C THR A 34 -15.06 5.96 10.90
N ASP A 35 -16.28 5.71 10.42
CA ASP A 35 -17.41 6.59 10.71
C ASP A 35 -17.73 6.49 12.20
N ILE A 36 -17.58 7.61 12.92
CA ILE A 36 -17.82 7.59 14.36
C ILE A 36 -19.30 7.43 14.68
N ALA A 37 -20.20 7.77 13.76
CA ALA A 37 -21.63 7.60 14.02
C ALA A 37 -21.98 6.12 14.13
N ALA A 38 -21.58 5.32 13.14
CA ALA A 38 -21.95 3.91 13.05
C ALA A 38 -20.82 2.93 13.35
N GLY A 39 -19.57 3.39 13.43
CA GLY A 39 -18.47 2.44 13.42
C GLY A 39 -18.22 1.80 12.08
N GLU A 40 -18.92 2.22 11.02
CA GLU A 40 -18.69 1.69 9.69
C GLU A 40 -17.30 2.06 9.20
N GLU A 41 -16.56 1.06 8.73
CA GLU A 41 -15.29 1.32 8.07
C GLU A 41 -15.56 1.89 6.69
N VAL A 42 -14.71 2.84 6.27
CA VAL A 42 -14.84 3.53 5.00
C VAL A 42 -13.46 3.63 4.38
N ALA A 43 -13.42 4.08 3.13
CA ALA A 43 -12.16 4.44 2.48
C ALA A 43 -12.17 5.94 2.27
N ILE A 44 -11.03 6.57 2.53
CA ILE A 44 -10.89 8.01 2.46
C ILE A 44 -9.83 8.34 1.43
N LYS A 45 -10.20 9.07 0.39
CA LYS A 45 -9.25 9.53 -0.62
C LYS A 45 -8.91 10.99 -0.36
N LEU A 46 -7.61 11.30 -0.34
CA LEU A 46 -7.12 12.65 -0.10
C LEU A 46 -6.32 13.12 -1.30
N GLU A 47 -6.58 14.35 -1.73
CA GLU A 47 -5.84 15.00 -2.81
C GLU A 47 -5.33 16.35 -2.31
N CYS A 48 -4.08 16.65 -2.63
CA CYS A 48 -3.51 17.88 -2.11
C CYS A 48 -4.13 19.07 -2.84
N VAL A 49 -4.53 20.09 -2.08
CA VAL A 49 -5.21 21.21 -2.71
C VAL A 49 -4.23 22.01 -3.55
N LYS A 50 -2.95 21.97 -3.20
CA LYS A 50 -1.95 22.74 -3.90
C LYS A 50 -1.41 21.97 -5.10
N THR A 51 -2.16 20.97 -5.56
CA THR A 51 -1.80 20.18 -6.73
C THR A 51 -1.99 21.00 -8.00
N LYS A 52 -1.20 20.65 -9.02
CA LYS A 52 -1.16 21.49 -10.22
C LYS A 52 -2.35 21.25 -11.14
N HIS A 53 -3.21 20.30 -10.82
CA HIS A 53 -4.31 19.95 -11.72
C HIS A 53 -5.44 19.28 -10.94
N PRO A 54 -6.32 20.07 -10.29
CA PRO A 54 -7.39 19.51 -9.44
C PRO A 54 -8.25 18.46 -10.14
N GLN A 55 -8.58 17.37 -9.44
CA GLN A 55 -9.33 16.26 -10.08
C GLN A 55 -10.33 15.59 -9.15
N LEU A 56 -10.08 15.54 -7.84
CA LEU A 56 -10.95 14.76 -6.97
C LEU A 56 -12.38 15.27 -6.98
N HIS A 57 -12.57 16.60 -7.13
CA HIS A 57 -13.92 17.12 -7.22
C HIS A 57 -14.63 16.57 -8.45
N ILE A 58 -13.90 16.40 -9.54
CA ILE A 58 -14.52 15.88 -10.76
C ILE A 58 -14.84 14.40 -10.61
N GLU A 59 -13.92 13.61 -10.04
CA GLU A 59 -14.20 12.20 -9.79
C GLU A 59 -15.41 12.02 -8.89
N SER A 60 -15.57 12.88 -7.87
CA SER A 60 -16.73 12.77 -7.00
C SER A 60 -18.02 13.04 -7.75
N LYS A 61 -18.03 14.04 -8.64
CA LYS A 61 -19.21 14.26 -9.48
C LYS A 61 -19.49 13.04 -10.35
N ILE A 62 -18.44 12.47 -10.95
CA ILE A 62 -18.62 11.26 -11.77
C ILE A 62 -19.24 10.14 -10.93
N TYR A 63 -18.70 9.90 -9.73
CA TYR A 63 -19.29 8.89 -8.85
C TYR A 63 -20.75 9.18 -8.55
N LYS A 64 -21.10 10.46 -8.33
CA LYS A 64 -22.48 10.80 -7.98
C LYS A 64 -23.44 10.53 -9.13
N MET A 65 -22.98 10.72 -10.37
CA MET A 65 -23.80 10.41 -11.53
C MET A 65 -23.99 8.91 -11.73
N MET A 66 -23.10 8.09 -11.17
CA MET A 66 -23.17 6.64 -11.32
C MET A 66 -23.90 5.96 -10.18
N GLN A 67 -24.37 6.72 -9.20
CA GLN A 67 -24.90 6.08 -8.01
C GLN A 67 -26.21 5.39 -8.32
N GLY A 68 -26.48 4.32 -7.57
CA GLY A 68 -27.53 3.39 -7.90
C GLY A 68 -27.14 2.32 -8.88
N GLY A 69 -26.02 2.47 -9.58
CA GLY A 69 -25.58 1.43 -10.51
C GLY A 69 -25.08 0.20 -9.77
N VAL A 70 -25.37 -0.97 -10.35
CA VAL A 70 -24.89 -2.23 -9.77
C VAL A 70 -23.38 -2.25 -9.78
N GLY A 71 -22.79 -2.54 -8.61
CA GLY A 71 -21.34 -2.57 -8.53
C GLY A 71 -20.66 -1.23 -8.60
N ILE A 72 -21.34 -0.16 -8.23
CA ILE A 72 -20.77 1.18 -8.13
C ILE A 72 -20.67 1.53 -6.64
N PRO A 73 -19.51 1.88 -6.12
CA PRO A 73 -19.44 2.21 -4.70
C PRO A 73 -20.19 3.50 -4.39
N THR A 74 -20.80 3.52 -3.23
CA THR A 74 -21.48 4.72 -2.75
C THR A 74 -20.45 5.70 -2.20
N ILE A 75 -20.58 6.97 -2.56
CA ILE A 75 -19.78 8.05 -2.02
C ILE A 75 -20.51 8.65 -0.81
N ARG A 76 -19.84 8.71 0.34
CA ARG A 76 -20.57 9.14 1.52
C ARG A 76 -20.42 10.64 1.77
N TRP A 77 -19.26 11.20 1.48
CA TRP A 77 -19.03 12.61 1.78
C TRP A 77 -17.94 13.12 0.86
N CYS A 78 -18.05 14.38 0.47
CA CYS A 78 -17.06 15.03 -0.37
C CYS A 78 -16.94 16.46 0.09
N GLY A 79 -15.71 16.98 0.16
CA GLY A 79 -15.49 18.26 0.84
C GLY A 79 -14.03 18.67 0.81
N ALA A 80 -13.73 19.75 1.49
CA ALA A 80 -12.35 20.27 1.52
C ALA A 80 -11.91 20.41 2.98
N GLU A 81 -10.65 20.06 3.26
CA GLU A 81 -10.18 20.06 4.66
C GLU A 81 -8.70 20.42 4.72
N GLY A 82 -8.39 21.63 5.20
CA GLY A 82 -7.00 21.99 5.39
C GLY A 82 -6.30 22.02 4.05
N ASP A 83 -5.22 21.26 3.98
CA ASP A 83 -4.43 21.13 2.77
C ASP A 83 -4.97 20.09 1.78
N TYR A 84 -6.19 19.58 1.99
CA TYR A 84 -6.65 18.43 1.20
C TYR A 84 -8.08 18.58 0.73
N ASN A 85 -8.32 18.16 -0.51
CA ASN A 85 -9.66 17.76 -0.92
C ASN A 85 -9.91 16.34 -0.45
N VAL A 86 -11.15 16.06 -0.04
CA VAL A 86 -11.51 14.80 0.58
C VAL A 86 -12.67 14.16 -0.15
N MET A 87 -12.60 12.85 -0.35
CA MET A 87 -13.72 12.04 -0.83
C MET A 87 -13.77 10.79 0.03
N VAL A 88 -14.87 10.59 0.75
CA VAL A 88 -15.07 9.40 1.57
C VAL A 88 -15.97 8.43 0.80
N MET A 89 -15.50 7.19 0.62
CA MET A 89 -16.19 6.15 -0.12
C MET A 89 -16.57 5.00 0.80
N GLU A 90 -17.58 4.25 0.38
CA GLU A 90 -17.86 2.97 1.00
C GLU A 90 -16.64 2.06 0.85
N LEU A 91 -16.33 1.33 1.92
CA LEU A 91 -15.22 0.38 1.92
C LEU A 91 -15.69 -0.94 1.31
N LEU A 92 -14.92 -1.45 0.37
CA LEU A 92 -15.24 -2.71 -0.29
C LEU A 92 -14.19 -3.76 0.06
N GLY A 93 -14.33 -4.94 -0.52
CA GLY A 93 -13.43 -6.04 -0.25
C GLY A 93 -12.11 -5.93 -1.01
N PRO A 94 -11.43 -7.07 -1.17
CA PRO A 94 -10.14 -7.05 -1.86
C PRO A 94 -10.29 -6.84 -3.35
N SER A 95 -9.25 -6.28 -3.95
CA SER A 95 -9.25 -6.13 -5.39
C SER A 95 -8.98 -7.47 -6.06
N LEU A 96 -9.29 -7.52 -7.36
CA LEU A 96 -9.02 -8.71 -8.15
C LEU A 96 -7.52 -8.99 -8.22
N GLU A 97 -6.69 -7.94 -8.19
CA GLU A 97 -5.25 -8.16 -8.08
C GLU A 97 -4.89 -8.79 -6.73
N ASP A 98 -5.46 -8.27 -5.64
CA ASP A 98 -5.25 -8.90 -4.33
C ASP A 98 -5.60 -10.37 -4.38
N LEU A 99 -6.75 -10.71 -4.94
CA LEU A 99 -7.17 -12.12 -4.98
C LEU A 99 -6.32 -12.92 -5.95
N PHE A 100 -5.89 -12.34 -7.05
CA PHE A 100 -5.00 -13.06 -7.97
C PHE A 100 -3.71 -13.47 -7.25
N ASN A 101 -3.11 -12.53 -6.54
CA ASN A 101 -1.89 -12.83 -5.78
C ASN A 101 -2.18 -13.81 -4.66
N PHE A 102 -3.30 -13.65 -3.98
CA PHE A 102 -3.65 -14.58 -2.91
C PHE A 102 -3.71 -16.02 -3.43
N CYS A 103 -4.23 -16.22 -4.65
CA CYS A 103 -4.29 -17.54 -5.29
C CYS A 103 -3.02 -17.85 -6.08
N SER A 104 -1.90 -17.28 -5.69
CA SER A 104 -0.63 -17.56 -6.36
C SER A 104 -0.71 -17.29 -7.87
N ARG A 105 -1.40 -16.24 -8.29
CA ARG A 105 -1.41 -15.82 -9.72
C ARG A 105 -1.93 -16.95 -10.63
N LYS A 106 -2.86 -17.75 -10.13
CA LYS A 106 -3.54 -18.82 -10.83
C LYS A 106 -5.04 -18.62 -10.62
N PHE A 107 -5.77 -18.31 -11.70
CA PHE A 107 -7.24 -18.31 -11.69
C PHE A 107 -7.71 -19.48 -12.56
N SER A 108 -8.64 -20.28 -12.05
CA SER A 108 -9.30 -21.27 -12.90
C SER A 108 -10.04 -20.60 -14.05
N LEU A 109 -10.28 -21.38 -15.11
CA LEU A 109 -11.11 -20.91 -16.22
C LEU A 109 -12.50 -20.50 -15.74
N LYS A 110 -13.08 -21.29 -14.82
CA LYS A 110 -14.39 -20.92 -14.29
C LYS A 110 -14.38 -19.53 -13.65
N THR A 111 -13.37 -19.27 -12.82
CA THR A 111 -13.30 -17.96 -12.17
C THR A 111 -13.12 -16.85 -13.20
N VAL A 112 -12.22 -17.05 -14.17
CA VAL A 112 -12.01 -16.01 -15.19
C VAL A 112 -13.32 -15.68 -15.88
N LEU A 113 -14.12 -16.70 -16.19
CA LEU A 113 -15.34 -16.48 -16.97
C LEU A 113 -16.40 -15.80 -16.14
N LEU A 114 -16.57 -16.22 -14.88
CA LEU A 114 -17.54 -15.56 -14.01
C LEU A 114 -17.22 -14.08 -13.89
N LEU A 115 -15.93 -13.73 -13.73
CA LEU A 115 -15.53 -12.33 -13.63
C LEU A 115 -15.73 -11.59 -14.95
N ALA A 116 -15.34 -12.20 -16.08
CA ALA A 116 -15.48 -11.51 -17.35
C ALA A 116 -16.91 -11.04 -17.52
N ASP A 117 -17.86 -11.90 -17.18
CA ASP A 117 -19.26 -11.56 -17.39
C ASP A 117 -19.67 -10.30 -16.65
N GLN A 118 -19.27 -10.20 -15.38
CA GLN A 118 -19.60 -9.04 -14.57
C GLN A 118 -18.82 -7.82 -15.02
N MET A 119 -17.57 -8.02 -15.41
CA MET A 119 -16.73 -6.87 -15.76
C MET A 119 -17.20 -6.22 -17.04
N ILE A 120 -17.66 -7.05 -18.00
CA ILE A 120 -18.22 -6.48 -19.23
C ILE A 120 -19.43 -5.64 -18.88
N SER A 121 -20.25 -6.11 -17.93
CA SER A 121 -21.46 -5.40 -17.55
C SER A 121 -21.13 -4.10 -16.82
N ARG A 122 -20.10 -4.10 -15.96
CA ARG A 122 -19.69 -2.86 -15.29
C ARG A 122 -19.28 -1.81 -16.31
N ILE A 123 -18.47 -2.20 -17.29
CA ILE A 123 -18.02 -1.24 -18.29
C ILE A 123 -19.19 -0.76 -19.12
N GLU A 124 -20.08 -1.68 -19.50
CA GLU A 124 -21.25 -1.26 -20.28
C GLU A 124 -22.09 -0.24 -19.51
N TYR A 125 -22.27 -0.47 -18.21
CA TYR A 125 -23.00 0.49 -17.41
C TYR A 125 -22.36 1.88 -17.45
N ILE A 126 -21.04 1.95 -17.27
CA ILE A 126 -20.38 3.25 -17.33
C ILE A 126 -20.62 3.91 -18.69
N HIS A 127 -20.48 3.14 -19.76
CA HIS A 127 -20.71 3.66 -21.10
C HIS A 127 -22.14 4.19 -21.25
N SER A 128 -23.11 3.49 -20.64
CA SER A 128 -24.49 3.93 -20.74
C SER A 128 -24.73 5.25 -20.03
N LYS A 129 -23.85 5.62 -19.12
CA LYS A 129 -23.89 6.93 -18.45
C LYS A 129 -23.07 7.99 -19.17
N ASN A 130 -22.59 7.70 -20.39
CA ASN A 130 -21.87 8.62 -21.27
C ASN A 130 -20.40 8.79 -20.94
N PHE A 131 -19.81 7.90 -20.12
CA PHE A 131 -18.40 8.01 -19.73
C PHE A 131 -17.60 6.80 -20.18
N ILE A 132 -16.31 7.04 -20.44
CA ILE A 132 -15.35 5.96 -20.61
C ILE A 132 -14.44 5.98 -19.40
N HIS A 133 -13.96 4.80 -18.98
CA HIS A 133 -13.21 4.65 -17.74
C HIS A 133 -11.75 5.01 -17.91
N ARG A 134 -11.11 4.43 -18.93
CA ARG A 134 -9.74 4.66 -19.39
C ARG A 134 -8.65 4.09 -18.48
N ASP A 135 -9.00 3.35 -17.43
CA ASP A 135 -7.96 2.78 -16.55
C ASP A 135 -8.40 1.41 -16.04
N VAL A 136 -8.87 0.56 -16.97
CA VAL A 136 -9.31 -0.79 -16.68
C VAL A 136 -8.10 -1.64 -16.35
N LYS A 137 -8.06 -2.20 -15.14
CA LYS A 137 -6.94 -3.01 -14.67
C LYS A 137 -7.40 -3.78 -13.43
N PRO A 138 -6.73 -4.89 -13.08
CA PRO A 138 -7.21 -5.72 -11.95
C PRO A 138 -7.33 -4.95 -10.64
N ASP A 139 -6.45 -3.96 -10.39
CA ASP A 139 -6.55 -3.15 -9.17
C ASP A 139 -7.84 -2.34 -9.10
N ASN A 140 -8.51 -2.09 -10.24
CA ASN A 140 -9.67 -1.22 -10.23
C ASN A 140 -11.00 -1.96 -10.22
N PHE A 141 -10.96 -3.27 -9.93
CA PHE A 141 -12.15 -4.05 -9.64
C PHE A 141 -12.02 -4.64 -8.24
N LEU A 142 -13.06 -4.47 -7.42
CA LEU A 142 -13.08 -4.89 -6.04
C LEU A 142 -14.30 -5.78 -5.80
N MET A 143 -14.15 -6.83 -5.01
CA MET A 143 -15.30 -7.62 -4.63
C MET A 143 -16.10 -6.90 -3.54
N GLY A 144 -17.39 -7.20 -3.44
CA GLY A 144 -18.20 -6.60 -2.41
C GLY A 144 -18.02 -7.26 -1.05
N LEU A 145 -18.80 -6.79 -0.08
CA LEU A 145 -18.67 -7.23 1.30
C LEU A 145 -19.93 -7.97 1.74
N GLY A 146 -19.74 -8.95 2.61
CA GLY A 146 -20.86 -9.66 3.19
C GLY A 146 -21.63 -10.36 2.09
N LYS A 147 -22.92 -10.04 1.98
CA LYS A 147 -23.79 -10.70 1.03
C LYS A 147 -23.68 -10.10 -0.36
N LYS A 148 -22.80 -9.11 -0.52
CA LYS A 148 -22.35 -8.68 -1.83
C LYS A 148 -20.95 -9.18 -2.12
N GLY A 149 -20.54 -10.28 -1.48
CA GLY A 149 -19.20 -10.82 -1.67
C GLY A 149 -18.99 -11.47 -3.02
N ASN A 150 -20.06 -11.78 -3.74
CA ASN A 150 -19.97 -12.32 -5.10
C ASN A 150 -20.11 -11.23 -6.17
N LEU A 151 -20.20 -9.95 -5.76
CA LEU A 151 -20.42 -8.85 -6.69
C LEU A 151 -19.11 -8.15 -7.00
N VAL A 152 -18.79 -8.02 -8.29
CA VAL A 152 -17.62 -7.28 -8.75
C VAL A 152 -17.99 -5.80 -8.86
N TYR A 153 -17.23 -4.94 -8.18
CA TYR A 153 -17.36 -3.49 -8.26
C TYR A 153 -16.26 -2.90 -9.15
N ILE A 154 -16.54 -1.72 -9.71
CA ILE A 154 -15.52 -0.98 -10.45
C ILE A 154 -15.28 0.35 -9.73
N ILE A 155 -14.00 0.74 -9.61
CA ILE A 155 -13.60 1.92 -8.86
C ILE A 155 -12.67 2.76 -9.70
N ASP A 156 -12.32 3.92 -9.16
CA ASP A 156 -11.32 4.83 -9.72
C ASP A 156 -11.75 5.46 -11.04
N PHE A 157 -12.51 6.55 -10.95
CA PHE A 157 -12.91 7.33 -12.10
C PHE A 157 -12.03 8.57 -12.27
N GLY A 158 -10.79 8.52 -11.76
CA GLY A 158 -9.88 9.65 -11.86
C GLY A 158 -9.43 9.98 -13.27
N LEU A 159 -9.48 9.01 -14.18
CA LEU A 159 -9.12 9.25 -15.56
C LEU A 159 -10.33 9.23 -16.48
N ALA A 160 -11.53 9.08 -15.91
CA ALA A 160 -12.72 8.92 -16.71
C ALA A 160 -13.10 10.24 -17.36
N LYS A 161 -13.80 10.14 -18.49
CA LYS A 161 -14.29 11.35 -19.13
C LYS A 161 -15.48 11.00 -20.00
N LYS A 162 -16.25 12.03 -20.34
CA LYS A 162 -17.37 11.83 -21.24
C LYS A 162 -16.87 11.56 -22.65
N TYR A 163 -17.47 10.57 -23.30
CA TYR A 163 -17.21 10.31 -24.71
C TYR A 163 -18.34 10.76 -25.60
N ARG A 164 -19.48 11.13 -25.03
CA ARG A 164 -20.61 11.57 -25.84
C ARG A 164 -21.46 12.57 -25.05
N ASP A 165 -22.09 13.48 -25.79
CA ASP A 165 -22.97 14.49 -25.20
C ASP A 165 -24.18 13.83 -24.57
N ALA A 166 -24.57 14.28 -23.39
CA ALA A 166 -25.62 13.59 -22.64
C ALA A 166 -27.00 13.69 -23.31
N ARG A 167 -27.20 14.69 -24.15
CA ARG A 167 -28.51 14.95 -24.71
C ARG A 167 -28.63 14.61 -26.18
N THR A 168 -27.56 14.78 -26.95
CA THR A 168 -27.63 14.46 -28.36
C THR A 168 -26.94 13.14 -28.68
N HIS A 169 -26.13 12.61 -27.76
CA HIS A 169 -25.28 11.45 -27.99
C HIS A 169 -24.26 11.70 -29.09
N GLN A 170 -23.89 12.96 -29.31
CA GLN A 170 -22.84 13.25 -30.27
C GLN A 170 -21.50 12.85 -29.66
N HIS A 171 -20.76 12.00 -30.40
CA HIS A 171 -19.49 11.44 -29.94
C HIS A 171 -18.40 12.50 -29.95
N ILE A 172 -17.48 12.41 -28.98
CA ILE A 172 -16.32 13.30 -28.93
C ILE A 172 -15.54 13.08 -30.24
N PRO A 173 -14.81 14.08 -30.72
CA PRO A 173 -14.14 13.93 -32.01
C PRO A 173 -12.90 13.07 -31.93
N TYR A 174 -12.60 12.42 -33.05
CA TYR A 174 -11.37 11.67 -33.24
C TYR A 174 -10.16 12.59 -33.24
N ARG A 175 -9.04 12.10 -32.72
CA ARG A 175 -7.78 12.82 -32.80
C ARG A 175 -6.63 11.87 -32.51
N GLU A 176 -5.43 12.29 -32.92
CA GLU A 176 -4.19 11.55 -32.80
C GLU A 176 -3.19 12.37 -31.97
N ASN A 177 -1.96 11.90 -31.91
CA ASN A 177 -0.91 12.62 -31.16
C ASN A 177 -1.31 12.85 -29.70
N LYS A 178 -2.09 11.94 -29.10
CA LYS A 178 -2.34 12.02 -27.67
C LYS A 178 -1.17 11.45 -26.89
N ASN A 179 -1.08 11.83 -25.62
CA ASN A 179 -0.15 11.18 -24.71
C ASN A 179 -0.79 9.94 -24.13
N LEU A 180 0.05 9.03 -23.62
CA LEU A 180 -0.47 7.78 -23.10
C LEU A 180 -1.25 8.09 -21.83
N THR A 181 -2.47 7.58 -21.78
CA THR A 181 -3.35 7.72 -20.63
C THR A 181 -3.65 6.31 -20.12
N GLY A 182 -3.71 6.16 -18.80
CA GLY A 182 -3.98 4.88 -18.20
C GLY A 182 -2.72 4.18 -17.73
N THR A 183 -2.68 2.87 -17.87
CA THR A 183 -1.55 2.05 -17.45
C THR A 183 -0.91 1.41 -18.68
N ALA A 184 0.42 1.42 -18.73
CA ALA A 184 1.12 0.88 -19.89
C ALA A 184 0.78 -0.59 -20.09
N ARG A 185 0.64 -1.36 -19.02
CA ARG A 185 0.45 -2.80 -19.18
C ARG A 185 -0.88 -3.16 -19.84
N TYR A 186 -1.96 -2.41 -19.58
CA TYR A 186 -3.27 -2.82 -20.03
C TYR A 186 -3.87 -1.93 -21.11
N ALA A 187 -3.15 -0.88 -21.54
CA ALA A 187 -3.68 0.05 -22.53
C ALA A 187 -3.87 -0.64 -23.89
N SER A 188 -4.86 -0.16 -24.63
CA SER A 188 -5.12 -0.66 -25.98
C SER A 188 -4.01 -0.22 -26.94
N ILE A 189 -3.87 -0.99 -28.03
CA ILE A 189 -2.99 -0.59 -29.13
C ILE A 189 -3.27 0.85 -29.56
N ASN A 190 -4.56 1.21 -29.73
CA ASN A 190 -4.88 2.56 -30.16
C ASN A 190 -4.26 3.60 -29.24
N THR A 191 -4.29 3.34 -27.93
CA THR A 191 -3.75 4.29 -26.96
C THR A 191 -2.25 4.44 -27.14
N HIS A 192 -1.53 3.33 -27.31
CA HIS A 192 -0.09 3.39 -27.56
C HIS A 192 0.22 4.19 -28.81
N LEU A 193 -0.69 4.21 -29.78
CA LEU A 193 -0.50 4.94 -31.02
C LEU A 193 -0.97 6.39 -30.94
N GLY A 194 -1.32 6.88 -29.74
CA GLY A 194 -1.70 8.27 -29.54
C GLY A 194 -3.10 8.63 -29.96
N ILE A 195 -3.98 7.63 -30.15
CA ILE A 195 -5.33 7.86 -30.62
C ILE A 195 -6.28 8.08 -29.44
N GLU A 196 -7.18 9.07 -29.59
CA GLU A 196 -8.22 9.33 -28.59
C GLU A 196 -8.93 8.05 -28.17
N GLN A 197 -9.08 7.86 -26.86
CA GLN A 197 -9.76 6.69 -26.31
C GLN A 197 -11.27 6.79 -26.53
N SER A 198 -11.91 5.63 -26.66
CA SER A 198 -13.37 5.56 -26.75
C SER A 198 -13.82 4.23 -26.13
N ARG A 199 -15.06 3.82 -26.42
CA ARG A 199 -15.63 2.68 -25.73
C ARG A 199 -14.86 1.40 -26.02
N ARG A 200 -14.37 1.25 -27.26
CA ARG A 200 -13.64 0.03 -27.62
C ARG A 200 -12.43 -0.19 -26.73
N ASP A 201 -11.76 0.89 -26.30
CA ASP A 201 -10.50 0.77 -25.58
C ASP A 201 -10.70 0.19 -24.19
N ASP A 202 -11.75 0.61 -23.48
CA ASP A 202 -12.08 0.00 -22.20
C ASP A 202 -12.21 -1.50 -22.38
N LEU A 203 -12.88 -1.93 -23.45
CA LEU A 203 -13.10 -3.36 -23.64
C LEU A 203 -11.83 -4.08 -24.10
N GLU A 204 -10.99 -3.44 -24.91
CA GLU A 204 -9.73 -4.09 -25.26
C GLU A 204 -8.88 -4.31 -24.02
N SER A 205 -8.81 -3.30 -23.15
CA SER A 205 -8.04 -3.43 -21.93
C SER A 205 -8.52 -4.60 -21.10
N LEU A 206 -9.84 -4.72 -20.93
CA LEU A 206 -10.40 -5.87 -20.24
C LEU A 206 -9.94 -7.18 -20.88
N GLY A 207 -9.85 -7.20 -22.21
CA GLY A 207 -9.33 -8.39 -22.87
C GLY A 207 -7.91 -8.74 -22.44
N TYR A 208 -7.05 -7.72 -22.27
CA TYR A 208 -5.70 -8.03 -21.76
C TYR A 208 -5.76 -8.46 -20.30
N VAL A 209 -6.66 -7.87 -19.51
CA VAL A 209 -6.79 -8.27 -18.11
C VAL A 209 -7.15 -9.75 -18.02
N LEU A 210 -8.11 -10.20 -18.82
CA LEU A 210 -8.54 -11.60 -18.79
C LEU A 210 -7.40 -12.54 -19.21
N MET A 211 -6.64 -12.19 -20.25
CA MET A 211 -5.52 -13.06 -20.59
C MET A 211 -4.44 -12.99 -19.51
N TYR A 212 -4.29 -11.85 -18.86
CA TYR A 212 -3.38 -11.76 -17.71
C TYR A 212 -3.82 -12.72 -16.60
N PHE A 213 -5.13 -12.82 -16.34
CA PHE A 213 -5.62 -13.80 -15.37
C PHE A 213 -5.36 -15.22 -15.83
N ASN A 214 -5.47 -15.46 -17.14
CA ASN A 214 -5.24 -16.81 -17.66
C ASN A 214 -3.77 -17.22 -17.53
N LEU A 215 -2.85 -16.28 -17.79
CA LEU A 215 -1.43 -16.57 -17.95
C LEU A 215 -0.61 -16.39 -16.70
N GLY A 216 -1.03 -15.51 -15.78
CA GLY A 216 -0.22 -15.09 -14.66
C GLY A 216 0.63 -13.87 -14.93
N SER A 217 0.87 -13.56 -16.20
CA SER A 217 1.64 -12.39 -16.64
C SER A 217 1.38 -12.19 -18.12
N LEU A 218 1.65 -10.98 -18.60
CA LEU A 218 1.54 -10.70 -20.02
C LEU A 218 2.93 -10.64 -20.66
N PRO A 219 3.06 -11.00 -21.94
CA PRO A 219 4.41 -11.03 -22.56
C PRO A 219 5.17 -9.70 -22.54
N TRP A 220 4.48 -8.56 -22.44
CA TRP A 220 5.13 -7.25 -22.39
C TRP A 220 5.34 -6.77 -20.96
N GLN A 221 5.15 -7.65 -19.99
CA GLN A 221 5.38 -7.35 -18.59
C GLN A 221 6.86 -7.55 -18.25
N GLY A 222 7.39 -6.66 -17.41
CA GLY A 222 8.77 -6.73 -16.94
C GLY A 222 9.84 -6.68 -18.00
N LEU A 223 9.76 -5.70 -18.90
CA LEU A 223 10.81 -5.50 -19.89
C LEU A 223 11.82 -4.53 -19.30
N LYS A 224 13.10 -4.90 -19.33
CA LYS A 224 14.13 -4.04 -18.78
C LYS A 224 14.31 -2.80 -19.63
N ALA A 225 14.46 -1.64 -18.98
CA ALA A 225 14.58 -0.36 -19.67
C ALA A 225 15.37 0.59 -18.78
N ALA A 226 15.46 1.86 -19.22
CA ALA A 226 16.23 2.88 -18.51
C ALA A 226 15.36 4.09 -18.16
N THR A 227 15.23 5.05 -19.09
CA THR A 227 14.25 6.12 -18.92
C THR A 227 12.85 5.51 -18.87
N LYS A 228 11.93 6.14 -18.14
CA LYS A 228 10.54 5.63 -18.01
C LYS A 228 9.80 5.66 -19.34
N ARG A 229 10.30 6.39 -20.33
CA ARG A 229 9.53 6.53 -21.58
C ARG A 229 10.08 5.57 -22.65
N GLN A 230 11.29 5.05 -22.46
CA GLN A 230 11.78 4.01 -23.39
C GLN A 230 11.09 2.72 -22.98
N LYS A 231 10.74 2.61 -21.70
CA LYS A 231 10.01 1.42 -21.20
C LYS A 231 8.65 1.40 -21.90
N TYR A 232 7.99 2.54 -21.93
CA TYR A 232 6.67 2.58 -22.54
C TYR A 232 6.71 2.16 -24.01
N GLU A 233 7.72 2.59 -24.76
CA GLU A 233 7.74 2.19 -26.15
C GLU A 233 8.18 0.75 -26.32
N ARG A 234 9.03 0.24 -25.41
CA ARG A 234 9.37 -1.18 -25.46
C ARG A 234 8.11 -2.03 -25.21
N ILE A 235 7.27 -1.59 -24.28
CA ILE A 235 5.95 -2.21 -24.08
C ILE A 235 5.11 -2.08 -25.33
N SER A 236 5.10 -0.90 -25.94
CA SER A 236 4.18 -0.67 -27.04
C SER A 236 4.52 -1.55 -28.23
N GLU A 237 5.82 -1.69 -28.53
CA GLU A 237 6.21 -2.50 -29.68
C GLU A 237 6.10 -4.00 -29.39
N LYS A 238 6.34 -4.42 -28.14
CA LYS A 238 6.11 -5.80 -27.78
C LYS A 238 4.63 -6.14 -27.89
N LYS A 239 3.77 -5.21 -27.48
CA LYS A 239 2.34 -5.42 -27.58
C LYS A 239 1.91 -5.54 -29.04
N MET A 240 2.51 -4.73 -29.92
CA MET A 240 2.10 -4.73 -31.32
C MET A 240 2.69 -5.91 -32.08
N SER A 241 3.92 -6.29 -31.76
CA SER A 241 4.58 -7.40 -32.44
C SER A 241 4.09 -8.77 -31.97
N THR A 242 3.23 -8.83 -30.95
CA THR A 242 2.70 -10.10 -30.45
C THR A 242 1.32 -10.30 -31.04
N PRO A 243 1.13 -11.21 -32.00
CA PRO A 243 -0.22 -11.41 -32.53
C PRO A 243 -1.15 -11.94 -31.45
N ILE A 244 -2.43 -11.56 -31.57
CA ILE A 244 -3.44 -11.97 -30.60
C ILE A 244 -3.49 -13.49 -30.46
N GLU A 245 -3.21 -14.20 -31.55
CA GLU A 245 -3.30 -15.65 -31.51
C GLU A 245 -2.08 -16.29 -30.87
N VAL A 246 -0.94 -15.60 -30.87
CA VAL A 246 0.20 -16.02 -30.08
C VAL A 246 -0.01 -15.70 -28.61
N LEU A 247 -0.55 -14.50 -28.33
CA LEU A 247 -0.84 -14.13 -26.96
C LEU A 247 -1.77 -15.14 -26.30
N CYS A 248 -2.76 -15.65 -27.04
CA CYS A 248 -3.79 -16.49 -26.44
C CYS A 248 -3.55 -17.97 -26.67
N LYS A 249 -2.36 -18.34 -27.10
CA LYS A 249 -2.06 -19.74 -27.40
C LYS A 249 -2.18 -20.56 -26.13
N GLY A 250 -2.87 -21.69 -26.23
CA GLY A 250 -3.09 -22.55 -25.08
C GLY A 250 -4.41 -22.35 -24.37
N TYR A 251 -5.24 -21.42 -24.83
CA TYR A 251 -6.49 -21.07 -24.19
C TYR A 251 -7.63 -21.09 -25.19
N PRO A 252 -8.87 -21.19 -24.74
CA PRO A 252 -9.98 -21.26 -25.69
C PRO A 252 -9.99 -20.08 -26.64
N SER A 253 -10.42 -20.35 -27.88
CA SER A 253 -10.43 -19.34 -28.93
C SER A 253 -11.26 -18.10 -28.59
N GLU A 254 -12.22 -18.21 -27.67
CA GLU A 254 -13.08 -17.09 -27.32
C GLU A 254 -12.28 -15.87 -26.86
N PHE A 255 -11.13 -16.10 -26.23
CA PHE A 255 -10.33 -14.98 -25.75
C PHE A 255 -9.69 -14.21 -26.89
N ALA A 256 -9.27 -14.92 -27.95
CA ALA A 256 -8.75 -14.25 -29.12
C ALA A 256 -9.87 -13.61 -29.93
N THR A 257 -11.03 -14.28 -30.02
CA THR A 257 -12.18 -13.69 -30.71
C THR A 257 -12.62 -12.43 -30.00
N TYR A 258 -12.61 -12.44 -28.66
CA TYR A 258 -12.92 -11.23 -27.90
C TYR A 258 -11.94 -10.13 -28.26
N LEU A 259 -10.65 -10.41 -28.20
CA LEU A 259 -9.67 -9.35 -28.45
C LEU A 259 -9.75 -8.84 -29.89
N ASN A 260 -9.93 -9.74 -30.88
CA ASN A 260 -10.04 -9.34 -32.29
C ASN A 260 -11.26 -8.46 -32.51
N PHE A 261 -12.39 -8.79 -31.88
CA PHE A 261 -13.59 -7.97 -32.02
C PHE A 261 -13.38 -6.55 -31.47
N CYS A 262 -12.68 -6.40 -30.33
CA CYS A 262 -12.48 -5.05 -29.80
C CYS A 262 -11.50 -4.27 -30.67
N ARG A 263 -10.49 -4.94 -31.26
CA ARG A 263 -9.57 -4.25 -32.16
C ARG A 263 -10.24 -3.86 -33.48
N SER A 264 -11.35 -4.51 -33.84
CA SER A 264 -12.10 -4.25 -35.07
C SER A 264 -13.10 -3.12 -34.95
N LEU A 265 -13.51 -2.78 -33.75
CA LEU A 265 -14.47 -1.71 -33.55
C LEU A 265 -13.93 -0.39 -34.12
N ARG A 266 -14.81 0.40 -34.71
CA ARG A 266 -14.40 1.73 -35.11
C ARG A 266 -14.42 2.68 -33.91
N PHE A 267 -13.76 3.83 -34.07
CA PHE A 267 -13.64 4.81 -33.00
C PHE A 267 -14.98 5.08 -32.31
N ASP A 268 -16.03 5.40 -33.06
CA ASP A 268 -17.30 5.76 -32.44
C ASP A 268 -18.34 4.64 -32.43
N ASP A 269 -17.98 3.40 -32.81
CA ASP A 269 -18.97 2.31 -32.80
C ASP A 269 -19.49 2.03 -31.38
N LYS A 270 -20.76 1.65 -31.29
CA LYS A 270 -21.25 1.07 -30.04
C LYS A 270 -20.83 -0.39 -29.96
N PRO A 271 -20.15 -0.82 -28.90
CA PRO A 271 -19.77 -2.24 -28.79
C PRO A 271 -21.00 -3.11 -28.61
N ASP A 272 -20.92 -4.32 -29.13
CA ASP A 272 -21.96 -5.31 -28.89
C ASP A 272 -21.61 -6.06 -27.61
N TYR A 273 -21.99 -5.46 -26.48
CA TYR A 273 -21.67 -6.07 -25.19
C TYR A 273 -22.34 -7.44 -25.04
N SER A 274 -23.59 -7.55 -25.51
CA SER A 274 -24.31 -8.83 -25.38
C SER A 274 -23.60 -9.93 -26.14
N TYR A 275 -23.05 -9.62 -27.30
CA TYR A 275 -22.24 -10.58 -28.03
C TYR A 275 -21.03 -11.02 -27.23
N LEU A 276 -20.33 -10.06 -26.62
CA LEU A 276 -19.10 -10.39 -25.90
C LEU A 276 -19.41 -11.26 -24.69
N ARG A 277 -20.47 -10.92 -23.94
CA ARG A 277 -20.87 -11.76 -22.81
C ARG A 277 -21.23 -13.16 -23.29
N GLN A 278 -21.89 -13.26 -24.44
CA GLN A 278 -22.38 -14.57 -24.88
C GLN A 278 -21.24 -15.47 -25.38
N LEU A 279 -20.16 -14.89 -25.92
CA LEU A 279 -18.97 -15.71 -26.22
C LEU A 279 -18.55 -16.52 -25.00
N PHE A 280 -18.42 -15.84 -23.86
CA PHE A 280 -17.92 -16.47 -22.61
C PHE A 280 -18.96 -17.37 -21.93
N ARG A 281 -20.23 -16.98 -21.94
CA ARG A 281 -21.32 -17.78 -21.34
C ARG A 281 -21.44 -19.12 -22.08
N ASN A 282 -21.36 -19.07 -23.40
CA ASN A 282 -21.39 -20.29 -24.22
C ASN A 282 -20.18 -21.16 -23.88
N LEU A 283 -19.02 -20.54 -23.78
CA LEU A 283 -17.87 -21.35 -23.37
C LEU A 283 -18.06 -21.88 -21.96
N PHE A 284 -18.61 -21.04 -21.07
CA PHE A 284 -18.95 -21.49 -19.72
C PHE A 284 -19.78 -22.78 -19.74
N HIS A 285 -20.82 -22.81 -20.57
CA HIS A 285 -21.66 -24.02 -20.64
C HIS A 285 -20.92 -25.22 -21.23
N ARG A 286 -20.10 -25.03 -22.29
CA ARG A 286 -19.37 -26.18 -22.87
C ARG A 286 -18.42 -26.82 -21.87
N GLN A 287 -17.90 -26.04 -20.92
CA GLN A 287 -17.04 -26.58 -19.88
C GLN A 287 -17.82 -27.36 -18.84
N GLY A 288 -19.15 -27.27 -18.88
CA GLY A 288 -19.96 -27.87 -17.84
C GLY A 288 -19.93 -27.17 -16.52
N PHE A 289 -19.46 -25.91 -16.47
CA PHE A 289 -19.45 -25.15 -15.21
C PHE A 289 -20.86 -24.80 -14.74
N SER A 290 -21.05 -24.75 -13.41
CA SER A 290 -22.27 -24.21 -12.82
C SER A 290 -22.07 -22.77 -12.34
N TYR A 291 -23.08 -21.93 -12.51
CA TYR A 291 -23.04 -20.51 -12.06
C TYR A 291 -23.37 -20.40 -10.57
N ASP A 292 -22.46 -20.92 -9.75
CA ASP A 292 -22.65 -20.97 -8.30
C ASP A 292 -21.86 -19.89 -7.56
N TYR A 293 -21.18 -19.00 -8.27
CA TYR A 293 -20.35 -17.96 -7.67
C TYR A 293 -19.26 -18.55 -6.79
N VAL A 294 -18.92 -19.82 -6.99
CA VAL A 294 -17.81 -20.41 -6.26
C VAL A 294 -16.55 -20.02 -7.02
N PHE A 295 -15.86 -19.00 -6.51
CA PHE A 295 -14.59 -18.60 -7.08
C PHE A 295 -13.47 -19.47 -6.50
N ASP A 296 -12.29 -19.37 -7.12
CA ASP A 296 -11.14 -20.10 -6.62
C ASP A 296 -10.89 -19.80 -5.15
N TRP A 297 -11.01 -18.53 -4.76
CA TRP A 297 -10.84 -18.10 -3.38
C TRP A 297 -12.05 -18.45 -2.52
N GLU B 9 -17.54 -17.17 1.92
CA GLU B 9 -16.65 -16.02 1.79
C GLU B 9 -15.22 -16.38 2.23
N LEU B 10 -14.23 -15.68 1.67
CA LEU B 10 -12.85 -16.07 1.95
C LEU B 10 -12.53 -15.65 3.37
N ARG B 11 -12.25 -16.64 4.20
CA ARG B 11 -11.94 -16.42 5.59
C ARG B 11 -10.63 -17.11 5.92
N VAL B 12 -9.90 -16.52 6.83
CA VAL B 12 -8.70 -17.14 7.36
C VAL B 12 -8.97 -17.51 8.81
N GLY B 13 -8.44 -18.65 9.25
CA GLY B 13 -8.52 -18.98 10.65
C GLY B 13 -9.92 -19.17 11.17
N ASN B 14 -10.83 -19.68 10.35
CA ASN B 14 -12.18 -20.05 10.75
C ASN B 14 -13.03 -18.80 10.89
N ARG B 15 -12.40 -17.64 11.02
CA ARG B 15 -12.99 -16.54 11.77
C ARG B 15 -12.85 -15.16 11.14
N TYR B 16 -11.81 -14.89 10.35
CA TYR B 16 -11.46 -13.54 9.94
C TYR B 16 -11.67 -13.38 8.44
N ARG B 17 -12.69 -12.61 8.06
CA ARG B 17 -12.92 -12.30 6.65
C ARG B 17 -11.75 -11.49 6.11
N LEU B 18 -11.22 -11.89 4.96
CA LEU B 18 -10.07 -11.20 4.41
C LEU B 18 -10.52 -10.03 3.55
N GLY B 19 -9.85 -8.88 3.72
CA GLY B 19 -10.15 -7.67 3.02
C GLY B 19 -9.01 -7.26 2.09
N ARG B 20 -9.00 -5.97 1.75
CA ARG B 20 -8.05 -5.51 0.75
C ARG B 20 -6.63 -5.48 1.30
N LYS B 21 -5.66 -5.62 0.41
CA LYS B 21 -4.25 -5.48 0.79
C LYS B 21 -3.99 -4.05 1.23
N ILE B 22 -3.26 -3.88 2.33
CA ILE B 22 -2.98 -2.54 2.86
C ILE B 22 -1.51 -2.27 3.05
N GLY B 23 -0.63 -3.19 2.68
CA GLY B 23 0.78 -2.97 2.87
C GLY B 23 1.50 -4.24 2.51
N SER B 24 2.77 -4.12 2.16
CA SER B 24 3.57 -5.29 1.78
C SER B 24 5.03 -5.01 2.11
N GLY B 25 5.73 -6.07 2.50
CA GLY B 25 7.14 -5.96 2.85
C GLY B 25 7.87 -7.21 2.44
N SER B 26 9.17 -7.23 2.74
CA SER B 26 10.00 -8.38 2.37
C SER B 26 9.66 -9.64 3.15
N PHE B 27 8.84 -9.56 4.19
CA PHE B 27 8.50 -10.72 5.00
C PHE B 27 7.01 -11.02 5.02
N GLY B 28 6.29 -10.57 3.98
CA GLY B 28 4.87 -10.86 3.87
C GLY B 28 3.99 -9.66 3.54
N ASP B 29 2.77 -9.93 3.11
CA ASP B 29 1.77 -8.90 2.87
C ASP B 29 0.86 -8.77 4.08
N ILE B 30 0.33 -7.57 4.26
CA ILE B 30 -0.61 -7.26 5.32
C ILE B 30 -1.95 -6.98 4.66
N TYR B 31 -3.01 -7.54 5.21
CA TYR B 31 -4.35 -7.36 4.69
C TYR B 31 -5.27 -6.87 5.80
N LEU B 32 -6.25 -6.08 5.42
CA LEU B 32 -7.37 -5.84 6.32
C LEU B 32 -8.16 -7.11 6.52
N GLY B 33 -8.73 -7.25 7.72
CA GLY B 33 -9.63 -8.34 8.02
C GLY B 33 -10.75 -7.85 8.91
N THR B 34 -11.79 -8.69 8.98
CA THR B 34 -12.91 -8.47 9.88
C THR B 34 -13.14 -9.74 10.68
N ASP B 35 -13.07 -9.63 12.01
CA ASP B 35 -13.47 -10.71 12.90
C ASP B 35 -14.98 -10.84 12.80
N ILE B 36 -15.46 -11.96 12.25
CA ILE B 36 -16.88 -12.10 11.97
C ILE B 36 -17.71 -12.29 13.23
N ALA B 37 -17.10 -12.79 14.31
CA ALA B 37 -17.79 -12.91 15.58
C ALA B 37 -18.10 -11.55 16.19
N ALA B 38 -17.09 -10.65 16.24
CA ALA B 38 -17.22 -9.39 16.95
C ALA B 38 -17.41 -8.20 16.02
N GLY B 39 -17.23 -8.36 14.72
CA GLY B 39 -17.19 -7.22 13.83
C GLY B 39 -15.98 -6.34 13.98
N GLU B 40 -15.05 -6.68 14.87
CA GLU B 40 -13.83 -5.92 15.04
C GLU B 40 -12.94 -6.03 13.81
N GLU B 41 -12.51 -4.90 13.27
CA GLU B 41 -11.52 -4.94 12.18
C GLU B 41 -10.16 -5.35 12.73
N VAL B 42 -9.41 -6.12 11.93
CA VAL B 42 -8.09 -6.61 12.31
C VAL B 42 -7.15 -6.44 11.12
N ALA B 43 -5.88 -6.69 11.38
CA ALA B 43 -4.86 -6.77 10.36
C ALA B 43 -4.36 -8.21 10.28
N ILE B 44 -4.19 -8.70 9.05
CA ILE B 44 -3.83 -10.08 8.77
C ILE B 44 -2.53 -10.11 7.98
N LYS B 45 -1.52 -10.80 8.51
CA LYS B 45 -0.22 -10.98 7.87
C LYS B 45 -0.12 -12.38 7.28
N LEU B 46 0.29 -12.48 6.02
CA LEU B 46 0.38 -13.76 5.32
C LEU B 46 1.80 -14.01 4.84
N GLU B 47 2.29 -15.23 5.07
CA GLU B 47 3.58 -15.69 4.57
C GLU B 47 3.38 -17.04 3.90
N CYS B 48 4.00 -17.23 2.73
CA CYS B 48 3.78 -18.48 2.01
C CYS B 48 4.44 -19.63 2.75
N VAL B 49 3.75 -20.78 2.83
CA VAL B 49 4.35 -21.89 3.54
C VAL B 49 5.54 -22.39 2.75
N LYS B 50 5.54 -22.14 1.44
CA LYS B 50 6.63 -22.52 0.55
C LYS B 50 7.69 -21.44 0.42
N THR B 51 7.75 -20.45 1.31
CA THR B 51 8.92 -19.58 1.30
C THR B 51 10.08 -20.33 1.93
N LYS B 52 11.28 -20.12 1.39
CA LYS B 52 12.48 -20.85 1.77
C LYS B 52 13.23 -20.16 2.90
N HIS B 53 12.64 -19.11 3.47
CA HIS B 53 13.29 -18.18 4.39
C HIS B 53 12.24 -17.85 5.44
N PRO B 54 11.86 -18.84 6.24
CA PRO B 54 10.70 -18.72 7.14
C PRO B 54 10.86 -17.64 8.20
N GLN B 55 9.73 -17.09 8.64
CA GLN B 55 9.80 -16.04 9.64
C GLN B 55 8.56 -15.88 10.51
N LEU B 56 7.37 -15.87 9.90
CA LEU B 56 6.17 -15.39 10.58
C LEU B 56 5.94 -16.11 11.90
N HIS B 57 6.26 -17.40 11.97
CA HIS B 57 6.10 -18.14 13.22
C HIS B 57 7.00 -17.55 14.31
N ILE B 58 8.19 -17.10 13.93
CA ILE B 58 9.10 -16.51 14.91
C ILE B 58 8.65 -15.12 15.34
N GLU B 59 8.20 -14.28 14.40
CA GLU B 59 7.66 -12.98 14.77
C GLU B 59 6.49 -13.15 15.73
N SER B 60 5.68 -14.20 15.53
CA SER B 60 4.53 -14.41 16.41
C SER B 60 4.91 -14.73 17.84
N LYS B 61 5.91 -15.59 18.08
CA LYS B 61 6.27 -15.83 19.48
C LYS B 61 6.87 -14.57 20.09
N ILE B 62 7.67 -13.84 19.31
CA ILE B 62 8.22 -12.59 19.83
C ILE B 62 7.08 -11.69 20.28
N TYR B 63 6.08 -11.53 19.41
CA TYR B 63 4.89 -10.78 19.81
C TYR B 63 4.26 -11.37 21.06
N LYS B 64 4.17 -12.71 21.13
CA LYS B 64 3.53 -13.36 22.27
C LYS B 64 4.34 -13.17 23.54
N MET B 65 5.66 -13.07 23.43
CA MET B 65 6.45 -12.81 24.63
C MET B 65 6.24 -11.41 25.15
N MET B 66 5.82 -10.47 24.30
CA MET B 66 5.69 -9.06 24.67
C MET B 66 4.27 -8.63 24.97
N GLN B 67 3.31 -9.54 24.99
CA GLN B 67 1.95 -9.09 25.09
C GLN B 67 1.69 -8.48 26.46
N GLY B 68 0.77 -7.51 26.51
CA GLY B 68 0.59 -6.70 27.68
C GLY B 68 1.52 -5.51 27.79
N GLY B 69 2.57 -5.44 26.98
CA GLY B 69 3.46 -4.30 27.02
C GLY B 69 2.78 -3.05 26.47
N VAL B 70 3.13 -1.90 27.05
CA VAL B 70 2.56 -0.64 26.59
C VAL B 70 2.98 -0.39 25.15
N GLY B 71 2.01 -0.11 24.28
CA GLY B 71 2.33 0.12 22.88
C GLY B 71 2.75 -1.09 22.09
N ILE B 72 2.39 -2.29 22.54
CA ILE B 72 2.65 -3.53 21.81
C ILE B 72 1.32 -4.04 21.27
N PRO B 73 1.18 -4.27 19.96
CA PRO B 73 -0.09 -4.75 19.45
C PRO B 73 -0.40 -6.15 19.94
N THR B 74 -1.68 -6.40 20.16
CA THR B 74 -2.13 -7.72 20.56
C THR B 74 -2.19 -8.64 19.36
N ILE B 75 -1.64 -9.83 19.52
CA ILE B 75 -1.76 -10.88 18.51
C ILE B 75 -2.98 -11.72 18.85
N ARG B 76 -3.90 -11.86 17.89
CA ARG B 76 -5.18 -12.52 18.09
C ARG B 76 -5.23 -13.98 17.62
N TRP B 77 -4.56 -14.31 16.54
CA TRP B 77 -4.61 -15.66 16.00
C TRP B 77 -3.34 -15.90 15.21
N CYS B 78 -2.84 -17.11 15.27
CA CYS B 78 -1.65 -17.50 14.55
C CYS B 78 -1.85 -18.93 14.07
N GLY B 79 -1.49 -19.21 12.83
CA GLY B 79 -1.85 -20.49 12.26
C GLY B 79 -1.39 -20.57 10.83
N ALA B 80 -1.68 -21.72 10.23
CA ALA B 80 -1.37 -21.98 8.83
C ALA B 80 -2.64 -22.41 8.13
N GLU B 81 -2.84 -21.94 6.90
CA GLU B 81 -4.06 -22.18 6.15
C GLU B 81 -3.72 -22.17 4.66
N GLY B 82 -3.88 -23.32 4.00
CA GLY B 82 -3.64 -23.36 2.57
C GLY B 82 -2.18 -23.10 2.26
N ASP B 83 -1.90 -22.15 1.38
CA ASP B 83 -0.52 -21.88 1.01
C ASP B 83 0.18 -20.91 1.96
N TYR B 84 -0.44 -20.56 3.09
CA TYR B 84 0.05 -19.44 3.88
C TYR B 84 0.05 -19.75 5.37
N ASN B 85 1.13 -19.31 6.01
CA ASN B 85 1.12 -19.08 7.46
C ASN B 85 0.44 -17.74 7.75
N VAL B 86 -0.29 -17.68 8.86
CA VAL B 86 -1.16 -16.55 9.17
C VAL B 86 -0.84 -16.00 10.55
N MET B 87 -0.82 -14.67 10.66
CA MET B 87 -0.76 -13.96 11.93
C MET B 87 -1.80 -12.85 11.88
N VAL B 88 -2.78 -12.91 12.77
CA VAL B 88 -3.82 -11.89 12.85
C VAL B 88 -3.49 -10.98 14.03
N MET B 89 -3.38 -9.67 13.78
CA MET B 89 -3.03 -8.67 14.78
C MET B 89 -4.21 -7.74 15.01
N GLU B 90 -4.21 -7.10 16.17
CA GLU B 90 -5.09 -5.96 16.37
C GLU B 90 -4.75 -4.85 15.37
N LEU B 91 -5.78 -4.21 14.82
CA LEU B 91 -5.58 -3.12 13.87
C LEU B 91 -5.30 -1.82 14.62
N LEU B 92 -4.25 -1.13 14.23
CA LEU B 92 -3.92 0.12 14.86
C LEU B 92 -4.14 1.26 13.87
N GLY B 93 -3.87 2.47 14.31
CA GLY B 93 -4.12 3.64 13.51
C GLY B 93 -3.06 3.88 12.46
N PRO B 94 -2.92 5.13 12.03
CA PRO B 94 -1.94 5.45 10.98
C PRO B 94 -0.51 5.35 11.50
N SER B 95 0.43 5.09 10.60
CA SER B 95 1.82 5.10 10.99
C SER B 95 2.35 6.53 11.09
N LEU B 96 3.49 6.68 11.78
CA LEU B 96 4.09 8.01 11.88
C LEU B 96 4.49 8.54 10.51
N GLU B 97 4.83 7.64 9.58
CA GLU B 97 5.09 8.07 8.21
C GLU B 97 3.80 8.58 7.55
N ASP B 98 2.69 7.85 7.69
CA ASP B 98 1.40 8.33 7.20
C ASP B 98 1.09 9.73 7.75
N LEU B 99 1.22 9.91 9.07
CA LEU B 99 0.87 11.19 9.69
C LEU B 99 1.86 12.30 9.30
N PHE B 100 3.12 11.93 9.08
CA PHE B 100 4.09 12.91 8.59
C PHE B 100 3.66 13.45 7.23
N ASN B 101 3.28 12.55 6.32
CA ASN B 101 2.85 12.97 4.98
C ASN B 101 1.57 13.79 5.05
N PHE B 102 0.62 13.36 5.88
CA PHE B 102 -0.60 14.11 6.05
C PHE B 102 -0.31 15.54 6.48
N CYS B 103 0.70 15.73 7.35
CA CYS B 103 1.09 17.05 7.82
C CYS B 103 2.05 17.72 6.86
N SER B 104 2.03 17.34 5.59
CA SER B 104 2.90 17.90 4.56
C SER B 104 4.37 17.80 4.95
N ARG B 105 4.74 16.74 5.64
CA ARG B 105 6.15 16.44 5.94
C ARG B 105 6.79 17.54 6.80
N LYS B 106 5.98 18.14 7.66
CA LYS B 106 6.42 19.09 8.68
C LYS B 106 5.81 18.70 10.03
N PHE B 107 6.66 18.40 11.01
CA PHE B 107 6.27 18.25 12.40
C PHE B 107 6.83 19.43 13.19
N SER B 108 5.99 20.05 14.03
CA SER B 108 6.47 20.99 15.04
C SER B 108 7.49 20.33 15.98
N LEU B 109 8.33 21.17 16.60
CA LEU B 109 9.25 20.70 17.63
C LEU B 109 8.51 20.01 18.78
N LYS B 110 7.37 20.56 19.19
CA LYS B 110 6.56 19.94 20.25
C LYS B 110 6.16 18.51 19.88
N THR B 111 5.73 18.29 18.64
CA THR B 111 5.36 16.94 18.23
C THR B 111 6.57 16.01 18.19
N VAL B 112 7.69 16.49 17.64
CA VAL B 112 8.88 15.63 17.63
C VAL B 112 9.22 15.18 19.05
N LEU B 113 9.14 16.09 20.02
CA LEU B 113 9.55 15.75 21.38
C LEU B 113 8.59 14.79 22.05
N LEU B 114 7.29 15.00 21.86
CA LEU B 114 6.32 14.03 22.35
C LEU B 114 6.57 12.65 21.73
N LEU B 115 6.82 12.61 20.43
CA LEU B 115 7.08 11.33 19.79
C LEU B 115 8.40 10.73 20.29
N ALA B 116 9.44 11.55 20.44
CA ALA B 116 10.72 11.03 20.91
C ALA B 116 10.59 10.37 22.28
N ASP B 117 9.83 10.97 23.19
CA ASP B 117 9.73 10.40 24.53
C ASP B 117 9.15 9.00 24.51
N GLN B 118 8.07 8.80 23.74
CA GLN B 118 7.43 7.49 23.69
C GLN B 118 8.26 6.49 22.90
N MET B 119 8.90 6.93 21.82
CA MET B 119 9.66 6.00 20.99
C MET B 119 10.86 5.46 21.73
N ILE B 120 11.52 6.30 22.56
CA ILE B 120 12.63 5.81 23.37
C ILE B 120 12.12 4.77 24.35
N SER B 121 10.94 4.99 24.93
CA SER B 121 10.38 4.02 25.88
C SER B 121 9.97 2.72 25.18
N ARG B 122 9.43 2.80 23.95
CA ARG B 122 9.14 1.59 23.21
C ARG B 122 10.40 0.76 23.00
N ILE B 123 11.49 1.41 22.61
CA ILE B 123 12.73 0.68 22.34
C ILE B 123 13.28 0.07 23.62
N GLU B 124 13.28 0.84 24.71
CA GLU B 124 13.75 0.34 25.99
C GLU B 124 12.95 -0.89 26.43
N TYR B 125 11.63 -0.87 26.23
CA TYR B 125 10.82 -2.03 26.57
C TYR B 125 11.30 -3.28 25.84
N ILE B 126 11.46 -3.18 24.52
CA ILE B 126 11.98 -4.30 23.74
C ILE B 126 13.32 -4.74 24.29
N HIS B 127 14.22 -3.78 24.55
CA HIS B 127 15.52 -4.14 25.10
C HIS B 127 15.38 -4.85 26.43
N SER B 128 14.44 -4.41 27.27
CA SER B 128 14.26 -5.05 28.56
C SER B 128 13.72 -6.46 28.42
N LYS B 129 13.13 -6.78 27.28
CA LYS B 129 12.68 -8.13 26.97
C LYS B 129 13.74 -8.98 26.29
N ASN B 130 14.99 -8.50 26.24
CA ASN B 130 16.18 -9.21 25.74
C ASN B 130 16.30 -9.18 24.23
N PHE B 131 15.54 -8.34 23.54
CA PHE B 131 15.54 -8.28 22.08
C PHE B 131 15.99 -6.91 21.60
N ILE B 132 16.59 -6.90 20.43
CA ILE B 132 16.80 -5.67 19.68
C ILE B 132 15.87 -5.72 18.49
N HIS B 133 15.43 -4.54 18.05
CA HIS B 133 14.42 -4.46 16.99
C HIS B 133 15.04 -4.55 15.60
N ARG B 134 16.07 -3.74 15.34
CA ARG B 134 16.88 -3.73 14.13
C ARG B 134 16.18 -3.16 12.90
N ASP B 135 14.99 -2.60 13.05
CA ASP B 135 14.33 -1.97 11.91
C ASP B 135 13.55 -0.74 12.36
N VAL B 136 14.20 0.12 13.12
CA VAL B 136 13.56 1.34 13.59
C VAL B 136 13.36 2.27 12.40
N LYS B 137 12.11 2.62 12.11
CA LYS B 137 11.80 3.54 11.01
C LYS B 137 10.37 4.06 11.20
N PRO B 138 10.03 5.20 10.59
CA PRO B 138 8.69 5.79 10.85
C PRO B 138 7.54 4.86 10.51
N ASP B 139 7.66 4.05 9.46
CA ASP B 139 6.60 3.11 9.12
C ASP B 139 6.34 2.09 10.22
N ASN B 140 7.30 1.87 11.12
CA ASN B 140 7.11 0.83 12.12
C ASN B 140 6.65 1.38 13.47
N PHE B 141 6.21 2.64 13.52
CA PHE B 141 5.52 3.17 14.69
C PHE B 141 4.14 3.61 14.27
N LEU B 142 3.12 3.16 14.99
CA LEU B 142 1.73 3.41 14.66
C LEU B 142 1.02 3.99 15.89
N MET B 143 0.11 4.93 15.67
CA MET B 143 -0.71 5.46 16.75
C MET B 143 -1.83 4.48 17.09
N GLY B 144 -2.29 4.54 18.35
CA GLY B 144 -3.41 3.75 18.80
C GLY B 144 -4.74 4.35 18.36
N LEU B 145 -5.82 3.70 18.82
CA LEU B 145 -7.19 4.06 18.47
C LEU B 145 -7.97 4.51 19.70
N GLY B 146 -8.94 5.40 19.48
CA GLY B 146 -9.86 5.76 20.53
C GLY B 146 -9.16 6.37 21.72
N LYS B 147 -9.33 5.77 22.88
CA LYS B 147 -8.74 6.33 24.09
C LYS B 147 -7.27 5.94 24.24
N LYS B 148 -6.74 5.19 23.27
CA LYS B 148 -5.30 5.02 23.12
C LYS B 148 -4.79 5.83 21.95
N GLY B 149 -5.49 6.88 21.52
CA GLY B 149 -5.10 7.62 20.31
C GLY B 149 -3.81 8.42 20.40
N ASN B 150 -3.35 8.70 21.61
CA ASN B 150 -2.09 9.44 21.82
C ASN B 150 -0.96 8.46 22.13
N LEU B 151 -1.19 7.17 21.89
CA LEU B 151 -0.24 6.14 22.25
C LEU B 151 0.50 5.69 21.02
N VAL B 152 1.82 5.74 21.07
CA VAL B 152 2.64 5.24 19.98
C VAL B 152 2.92 3.77 20.20
N TYR B 153 2.59 2.96 19.19
CA TYR B 153 2.89 1.53 19.14
C TYR B 153 4.11 1.28 18.29
N ILE B 154 4.80 0.17 18.57
CA ILE B 154 5.86 -0.33 17.70
C ILE B 154 5.45 -1.68 17.14
N ILE B 155 5.76 -1.91 15.86
CA ILE B 155 5.35 -3.11 15.12
C ILE B 155 6.56 -3.65 14.35
N ASP B 156 6.33 -4.80 13.68
CA ASP B 156 7.27 -5.44 12.76
C ASP B 156 8.51 -5.95 13.48
N PHE B 157 8.39 -7.16 14.04
CA PHE B 157 9.50 -7.84 14.69
C PHE B 157 10.15 -8.89 13.79
N GLY B 158 9.99 -8.75 12.47
CA GLY B 158 10.53 -9.73 11.55
C GLY B 158 12.04 -9.78 11.52
N LEU B 159 12.69 -8.71 11.95
CA LEU B 159 14.14 -8.67 12.01
C LEU B 159 14.66 -8.73 13.44
N ALA B 160 13.79 -8.82 14.43
CA ALA B 160 14.24 -8.75 15.80
C ALA B 160 15.01 -10.01 16.17
N LYS B 161 15.85 -9.90 17.18
CA LYS B 161 16.56 -11.08 17.70
C LYS B 161 17.05 -10.78 19.10
N LYS B 162 17.38 -11.85 19.84
CA LYS B 162 17.92 -11.68 21.18
C LYS B 162 19.32 -11.09 21.12
N TYR B 163 19.58 -10.12 22.00
CA TYR B 163 20.93 -9.62 22.20
C TYR B 163 21.55 -10.08 23.50
N ARG B 164 20.78 -10.68 24.40
CA ARG B 164 21.33 -11.15 25.65
C ARG B 164 20.58 -12.38 26.11
N ASP B 165 21.29 -13.24 26.81
CA ASP B 165 20.73 -14.49 27.31
C ASP B 165 19.59 -14.21 28.29
N ALA B 166 18.48 -14.92 28.12
CA ALA B 166 17.31 -14.63 28.93
C ALA B 166 17.52 -14.90 30.42
N ARG B 167 18.47 -15.77 30.79
CA ARG B 167 18.64 -16.16 32.18
C ARG B 167 19.84 -15.50 32.85
N THR B 168 20.92 -15.26 32.11
CA THR B 168 22.13 -14.63 32.65
C THR B 168 22.33 -13.18 32.23
N HIS B 169 21.58 -12.69 31.24
CA HIS B 169 21.80 -11.38 30.61
C HIS B 169 23.18 -11.26 30.00
N GLN B 170 23.82 -12.37 29.68
CA GLN B 170 25.10 -12.31 28.98
C GLN B 170 24.87 -11.88 27.54
N HIS B 171 25.63 -10.90 27.12
CA HIS B 171 25.44 -10.28 25.81
C HIS B 171 25.90 -11.22 24.70
N ILE B 172 25.24 -11.14 23.56
CA ILE B 172 25.68 -11.89 22.37
C ILE B 172 27.08 -11.42 22.00
N PRO B 173 27.89 -12.25 21.37
CA PRO B 173 29.25 -11.83 21.03
C PRO B 173 29.33 -10.88 19.84
N TYR B 174 30.37 -10.07 19.87
CA TYR B 174 30.70 -9.20 18.75
C TYR B 174 31.02 -10.01 17.50
N ARG B 175 30.72 -9.43 16.34
CA ARG B 175 30.97 -10.13 15.10
C ARG B 175 31.12 -9.10 14.00
N GLU B 176 31.86 -9.43 12.96
CA GLU B 176 32.17 -8.52 11.86
C GLU B 176 31.64 -9.07 10.54
N ASN B 177 31.86 -8.31 9.47
CA ASN B 177 31.56 -8.73 8.09
C ASN B 177 30.11 -9.18 7.91
N LYS B 178 29.18 -8.64 8.67
CA LYS B 178 27.80 -9.02 8.43
C LYS B 178 27.23 -8.30 7.20
N ASN B 179 26.19 -8.87 6.62
CA ASN B 179 25.47 -8.18 5.57
C ASN B 179 24.48 -7.18 6.16
N LEU B 180 24.08 -6.22 5.34
CA LEU B 180 23.25 -5.14 5.85
C LEU B 180 21.87 -5.67 6.19
N THR B 181 21.43 -5.36 7.39
CA THR B 181 20.12 -5.76 7.91
C THR B 181 19.35 -4.50 8.27
N GLY B 182 18.06 -4.49 7.94
CA GLY B 182 17.22 -3.35 8.23
C GLY B 182 17.00 -2.48 7.01
N THR B 183 16.94 -1.18 7.22
CA THR B 183 16.65 -0.22 6.16
C THR B 183 17.88 0.63 5.92
N ALA B 184 18.24 0.82 4.64
CA ALA B 184 19.43 1.58 4.32
C ALA B 184 19.34 3.01 4.84
N ARG B 185 18.15 3.61 4.79
CA ARG B 185 18.03 5.02 5.17
C ARG B 185 18.26 5.22 6.67
N TYR B 186 17.86 4.26 7.51
CA TYR B 186 17.86 4.48 8.94
C TYR B 186 18.86 3.62 9.70
N ALA B 187 19.62 2.77 9.01
CA ALA B 187 20.59 1.91 9.68
C ALA B 187 21.71 2.74 10.31
N SER B 188 22.24 2.23 11.43
CA SER B 188 23.37 2.84 12.09
C SER B 188 24.63 2.74 11.23
N ILE B 189 25.59 3.63 11.49
CA ILE B 189 26.88 3.56 10.80
C ILE B 189 27.49 2.16 10.94
N ASN B 190 27.59 1.67 12.17
CA ASN B 190 28.22 0.36 12.38
C ASN B 190 27.54 -0.72 11.55
N THR B 191 26.22 -0.63 11.37
CA THR B 191 25.55 -1.63 10.58
C THR B 191 26.06 -1.59 9.14
N HIS B 192 26.18 -0.38 8.58
CA HIS B 192 26.76 -0.24 7.24
C HIS B 192 28.15 -0.84 7.17
N LEU B 193 28.90 -0.80 8.27
CA LEU B 193 30.24 -1.35 8.26
C LEU B 193 30.28 -2.84 8.58
N GLY B 194 29.13 -3.50 8.67
CA GLY B 194 29.14 -4.93 8.89
C GLY B 194 29.33 -5.39 10.33
N ILE B 195 29.03 -4.52 11.33
CA ILE B 195 29.18 -4.86 12.75
C ILE B 195 27.85 -5.42 13.26
N GLU B 196 27.92 -6.47 14.08
CA GLU B 196 26.73 -6.99 14.75
C GLU B 196 25.93 -5.88 15.41
N GLN B 197 24.62 -5.91 15.22
CA GLN B 197 23.77 -4.92 15.86
C GLN B 197 23.62 -5.19 17.36
N SER B 198 23.44 -4.12 18.12
CA SER B 198 23.16 -4.23 19.55
C SER B 198 22.24 -3.08 19.92
N ARG B 199 22.07 -2.82 21.22
CA ARG B 199 21.05 -1.87 21.65
C ARG B 199 21.35 -0.46 21.13
N ARG B 200 22.63 -0.10 21.09
CA ARG B 200 23.00 1.25 20.65
C ARG B 200 22.46 1.53 19.24
N ASP B 201 22.40 0.49 18.39
CA ASP B 201 22.04 0.72 16.99
C ASP B 201 20.56 1.07 16.85
N ASP B 202 19.67 0.44 17.63
CA ASP B 202 18.26 0.84 17.59
C ASP B 202 18.11 2.31 17.91
N LEU B 203 18.83 2.79 18.93
CA LEU B 203 18.71 4.17 19.38
C LEU B 203 19.36 5.14 18.40
N GLU B 204 20.43 4.73 17.72
CA GLU B 204 20.96 5.61 16.68
C GLU B 204 19.95 5.77 15.53
N SER B 205 19.31 4.67 15.12
CA SER B 205 18.29 4.75 14.06
C SER B 205 17.17 5.71 14.46
N LEU B 206 16.69 5.60 15.69
CA LEU B 206 15.69 6.54 16.16
C LEU B 206 16.19 7.99 16.02
N GLY B 207 17.49 8.21 16.30
CA GLY B 207 18.04 9.55 16.11
C GLY B 207 17.94 10.04 14.67
N TYR B 208 18.14 9.14 13.71
CA TYR B 208 17.91 9.54 12.32
C TYR B 208 16.42 9.79 12.07
N VAL B 209 15.55 8.98 12.68
CA VAL B 209 14.12 9.20 12.50
C VAL B 209 13.72 10.60 13.00
N LEU B 210 14.21 10.97 14.20
CA LEU B 210 13.86 12.27 14.75
C LEU B 210 14.37 13.42 13.87
N MET B 211 15.60 13.31 13.36
CA MET B 211 16.12 14.36 12.49
C MET B 211 15.39 14.38 11.14
N TYR B 212 14.96 13.20 10.67
CA TYR B 212 14.12 13.11 9.49
C TYR B 212 12.80 13.86 9.67
N PHE B 213 12.18 13.72 10.84
CA PHE B 213 10.98 14.50 11.14
C PHE B 213 11.29 15.99 11.18
N ASN B 214 12.47 16.37 11.68
CA ASN B 214 12.80 17.78 11.79
C ASN B 214 13.01 18.41 10.41
N LEU B 215 13.65 17.67 9.50
CA LEU B 215 14.11 18.21 8.23
C LEU B 215 13.15 17.98 7.09
N GLY B 216 12.31 16.94 7.17
CA GLY B 216 11.50 16.50 6.05
C GLY B 216 12.17 15.47 5.16
N SER B 217 13.50 15.37 5.23
CA SER B 217 14.24 14.36 4.49
C SER B 217 15.64 14.29 5.08
N LEU B 218 16.34 13.17 4.79
CA LEU B 218 17.73 13.04 5.25
C LEU B 218 18.70 13.26 4.10
N PRO B 219 19.91 13.77 4.39
CA PRO B 219 20.86 14.08 3.31
C PRO B 219 21.21 12.89 2.43
N TRP B 220 21.08 11.66 2.92
CA TRP B 220 21.39 10.48 2.12
C TRP B 220 20.17 9.90 1.44
N GLN B 221 19.05 10.62 1.47
CA GLN B 221 17.84 10.19 0.80
C GLN B 221 17.91 10.57 -0.67
N GLY B 222 17.41 9.69 -1.53
CA GLY B 222 17.35 9.95 -2.96
C GLY B 222 18.67 10.26 -3.63
N LEU B 223 19.66 9.39 -3.47
CA LEU B 223 20.91 9.53 -4.20
C LEU B 223 20.83 8.77 -5.53
N LYS B 224 21.28 9.41 -6.60
CA LYS B 224 21.27 8.78 -7.91
C LYS B 224 22.21 7.58 -7.94
N ALA B 225 21.75 6.47 -8.52
CA ALA B 225 22.52 5.23 -8.48
C ALA B 225 22.18 4.27 -9.63
N ALA B 226 20.90 3.96 -9.78
CA ALA B 226 20.53 3.10 -10.92
C ALA B 226 21.12 1.70 -10.75
N THR B 227 21.72 1.41 -9.59
CA THR B 227 22.19 0.01 -9.33
C THR B 227 22.12 -0.23 -7.82
N LYS B 228 21.41 -1.27 -7.39
CA LYS B 228 21.18 -1.44 -5.93
C LYS B 228 22.50 -1.61 -5.20
N ARG B 229 23.50 -2.11 -5.88
CA ARG B 229 24.73 -2.44 -5.17
C ARG B 229 25.63 -1.23 -4.98
N GLN B 230 25.42 -0.17 -5.75
CA GLN B 230 25.95 1.18 -5.51
C GLN B 230 25.06 2.01 -4.60
N LYS B 231 23.73 1.88 -4.71
CA LYS B 231 22.84 2.72 -3.90
C LYS B 231 23.11 2.51 -2.42
N TYR B 232 23.14 1.25 -1.97
CA TYR B 232 23.48 1.03 -0.57
C TYR B 232 24.87 1.57 -0.29
N GLU B 233 25.78 1.50 -1.27
CA GLU B 233 27.05 2.03 -0.82
C GLU B 233 27.06 3.53 -0.82
N ARG B 234 26.48 4.17 -1.83
CA ARG B 234 26.42 5.66 -1.83
C ARG B 234 25.69 6.21 -0.59
N ILE B 235 24.61 5.57 -0.16
CA ILE B 235 23.94 6.00 1.10
C ILE B 235 24.96 5.85 2.22
N SER B 236 25.71 4.76 2.18
CA SER B 236 26.58 4.52 3.32
C SER B 236 27.68 5.55 3.40
N GLU B 237 28.25 5.95 2.25
CA GLU B 237 29.34 6.93 2.28
C GLU B 237 28.82 8.32 2.62
N LYS B 238 27.63 8.66 2.16
CA LYS B 238 27.05 9.96 2.52
C LYS B 238 26.75 10.02 4.02
N LYS B 239 26.23 8.93 4.59
CA LYS B 239 25.92 8.90 6.02
C LYS B 239 27.17 9.08 6.86
N MET B 240 28.28 8.45 6.47
CA MET B 240 29.50 8.51 7.26
C MET B 240 30.24 9.82 7.06
N SER B 241 30.15 10.39 5.86
CA SER B 241 30.81 11.65 5.56
C SER B 241 30.07 12.87 6.09
N THR B 242 28.87 12.71 6.65
CA THR B 242 28.09 13.83 7.15
C THR B 242 28.25 13.93 8.66
N PRO B 243 28.99 14.91 9.19
CA PRO B 243 29.13 15.01 10.65
C PRO B 243 27.77 15.32 11.29
N ILE B 244 27.57 14.78 12.49
CA ILE B 244 26.30 14.96 13.19
C ILE B 244 25.98 16.43 13.36
N GLU B 245 27.00 17.29 13.48
CA GLU B 245 26.69 18.69 13.67
C GLU B 245 26.28 19.38 12.36
N VAL B 246 26.66 18.83 11.21
CA VAL B 246 26.11 19.32 9.95
C VAL B 246 24.67 18.82 9.79
N LEU B 247 24.42 17.54 10.06
CA LEU B 247 23.07 17.00 9.98
C LEU B 247 22.10 17.81 10.83
N CYS B 248 22.53 18.26 12.01
CA CYS B 248 21.61 18.86 12.97
C CYS B 248 21.69 20.37 13.02
N LYS B 249 22.33 21.00 12.03
CA LYS B 249 22.45 22.45 12.04
C LYS B 249 21.06 23.08 11.98
N GLY B 250 20.83 24.09 12.84
CA GLY B 250 19.57 24.79 12.88
C GLY B 250 18.59 24.26 13.90
N TYR B 251 18.93 23.20 14.61
CA TYR B 251 18.01 22.57 15.53
C TYR B 251 18.65 22.54 16.90
N PRO B 252 17.85 22.44 17.96
CA PRO B 252 18.42 22.47 19.30
C PRO B 252 19.51 21.43 19.45
N SER B 253 20.53 21.76 20.24
CA SER B 253 21.70 20.91 20.40
C SER B 253 21.36 19.50 20.89
N GLU B 254 20.20 19.33 21.56
CA GLU B 254 19.81 18.04 22.09
C GLU B 254 19.81 16.94 21.02
N PHE B 255 19.46 17.30 19.78
CA PHE B 255 19.43 16.31 18.72
C PHE B 255 20.83 15.84 18.35
N ALA B 256 21.83 16.72 18.40
CA ALA B 256 23.21 16.29 18.21
C ALA B 256 23.76 15.58 19.45
N THR B 257 23.38 16.05 20.65
CA THR B 257 23.82 15.36 21.87
C THR B 257 23.31 13.92 21.88
N TYR B 258 22.06 13.72 21.51
CA TYR B 258 21.48 12.37 21.43
C TYR B 258 22.26 11.49 20.47
N LEU B 259 22.51 11.98 19.25
CA LEU B 259 23.16 11.13 18.27
C LEU B 259 24.62 10.85 18.63
N ASN B 260 25.35 11.83 19.14
CA ASN B 260 26.73 11.57 19.56
C ASN B 260 26.77 10.53 20.68
N PHE B 261 25.82 10.60 21.62
CA PHE B 261 25.78 9.66 22.72
C PHE B 261 25.55 8.25 22.21
N CYS B 262 24.66 8.09 21.21
CA CYS B 262 24.38 6.76 20.70
C CYS B 262 25.56 6.23 19.89
N ARG B 263 26.23 7.11 19.14
CA ARG B 263 27.43 6.71 18.37
C ARG B 263 28.61 6.38 19.27
N SER B 264 28.62 6.91 20.49
CA SER B 264 29.70 6.69 21.46
C SER B 264 29.53 5.41 22.25
N LEU B 265 28.32 4.89 22.30
CA LEU B 265 28.04 3.68 23.09
C LEU B 265 28.86 2.50 22.58
N ARG B 266 29.35 1.73 23.52
CA ARG B 266 30.12 0.53 23.17
C ARG B 266 29.17 -0.60 22.80
N PHE B 267 29.66 -1.59 22.04
CA PHE B 267 28.83 -2.72 21.57
C PHE B 267 27.90 -3.26 22.65
N ASP B 268 28.41 -3.59 23.81
CA ASP B 268 27.51 -4.20 24.78
C ASP B 268 27.07 -3.25 25.89
N ASP B 269 27.26 -1.94 25.73
CA ASP B 269 26.80 -0.99 26.73
C ASP B 269 25.29 -1.03 26.88
N LYS B 270 24.82 -0.89 28.11
CA LYS B 270 23.42 -0.61 28.36
C LYS B 270 23.19 0.89 28.22
N PRO B 271 22.31 1.33 27.33
CA PRO B 271 22.09 2.76 27.16
C PRO B 271 21.45 3.37 28.40
N ASP B 272 21.79 4.62 28.65
CA ASP B 272 21.13 5.38 29.71
C ASP B 272 19.90 6.03 29.09
N TYR B 273 18.82 5.24 29.04
CA TYR B 273 17.58 5.69 28.40
C TYR B 273 16.99 6.90 29.13
N SER B 274 16.99 6.88 30.47
CA SER B 274 16.43 7.98 31.25
C SER B 274 17.15 9.30 30.99
N TYR B 275 18.47 9.23 30.81
CA TYR B 275 19.20 10.42 30.41
C TYR B 275 18.75 10.91 29.03
N LEU B 276 18.59 10.00 28.07
CA LEU B 276 18.21 10.43 26.71
C LEU B 276 16.82 11.03 26.70
N ARG B 277 15.85 10.40 27.39
CA ARG B 277 14.52 11.00 27.53
C ARG B 277 14.60 12.35 28.20
N GLN B 278 15.48 12.49 29.22
CA GLN B 278 15.50 13.72 29.99
C GLN B 278 16.09 14.88 29.19
N LEU B 279 17.00 14.58 28.27
CA LEU B 279 17.47 15.58 27.31
C LEU B 279 16.30 16.30 26.65
N PHE B 280 15.37 15.51 26.07
CA PHE B 280 14.26 16.07 25.32
C PHE B 280 13.18 16.64 26.26
N ARG B 281 13.01 16.06 27.46
CA ARG B 281 12.06 16.59 28.43
C ARG B 281 12.48 17.98 28.92
N ASN B 282 13.76 18.16 29.25
CA ASN B 282 14.23 19.49 29.68
C ASN B 282 14.01 20.52 28.57
N LEU B 283 14.31 20.16 27.31
CA LEU B 283 14.07 21.07 26.18
C LEU B 283 12.59 21.38 26.01
N PHE B 284 11.73 20.35 26.09
CA PHE B 284 10.28 20.55 26.08
C PHE B 284 9.86 21.55 27.14
N HIS B 285 10.42 21.42 28.34
CA HIS B 285 10.07 22.34 29.43
C HIS B 285 10.50 23.76 29.10
N ARG B 286 11.74 23.94 28.58
CA ARG B 286 12.24 25.27 28.22
C ARG B 286 11.46 25.91 27.08
N GLN B 287 10.81 25.13 26.23
CA GLN B 287 10.02 25.72 25.16
C GLN B 287 8.71 26.31 25.65
N GLY B 288 8.33 26.04 26.89
CA GLY B 288 7.04 26.49 27.36
C GLY B 288 5.87 25.75 26.76
N PHE B 289 6.09 24.61 26.12
CA PHE B 289 4.99 23.85 25.56
C PHE B 289 4.04 23.45 26.67
N SER B 290 2.76 23.36 26.34
CA SER B 290 1.76 22.95 27.32
C SER B 290 1.74 21.44 27.42
N TYR B 291 1.51 20.95 28.64
CA TYR B 291 1.46 19.51 28.90
C TYR B 291 0.08 18.94 28.58
N ASP B 292 -0.33 19.09 27.32
CA ASP B 292 -1.66 18.67 26.87
C ASP B 292 -1.66 17.47 25.91
N TYR B 293 -0.50 16.98 25.50
CA TYR B 293 -0.41 15.87 24.55
C TYR B 293 -1.12 16.15 23.21
N VAL B 294 -1.29 17.43 22.84
CA VAL B 294 -1.88 17.80 21.56
C VAL B 294 -0.80 17.74 20.47
N PHE B 295 -0.91 16.75 19.57
CA PHE B 295 -0.02 16.61 18.43
C PHE B 295 -0.45 17.55 17.29
N ASP B 296 0.44 17.70 16.30
CA ASP B 296 0.14 18.55 15.14
C ASP B 296 -1.16 18.14 14.47
N TRP B 297 -1.39 16.84 14.31
CA TRP B 297 -2.61 16.31 13.73
C TRP B 297 -3.75 16.36 14.77
N VAL C 6 2.50 -0.14 -14.31
CA VAL C 6 1.11 -0.25 -13.83
C VAL C 6 0.67 1.09 -13.20
N ALA C 7 1.62 2.03 -13.14
CA ALA C 7 1.33 3.41 -12.75
C ALA C 7 0.30 4.07 -13.68
N LEU C 9 -1.45 6.95 -15.75
CA LEU C 9 -0.89 8.09 -16.48
C LEU C 9 -2.00 9.03 -16.97
N THR C 10 -1.71 10.33 -16.99
CA THR C 10 -2.67 11.35 -17.42
C THR C 10 -2.83 11.41 -18.94
N VAL D 6 14.32 2.20 1.55
CA VAL D 6 13.43 1.92 2.70
C VAL D 6 12.97 0.48 2.75
N ALA D 7 13.34 -0.32 1.75
CA ALA D 7 13.11 -1.76 1.78
C ALA D 7 13.75 -2.44 3.00
N LEU D 9 15.81 -5.41 4.71
CA LEU D 9 16.84 -6.38 4.30
C LEU D 9 17.30 -7.23 5.48
N THR D 10 17.84 -8.41 5.18
CA THR D 10 18.34 -9.30 6.24
C THR D 10 19.86 -9.46 6.15
#